data_2GUU
#
_entry.id   2GUU
#
_cell.length_a   69.731
_cell.length_b   82.151
_cell.length_c   59.739
_cell.angle_alpha   90.00
_cell.angle_beta   90.00
_cell.angle_gamma   90.00
#
_symmetry.space_group_name_H-M   'P 21 21 2'
#
loop_
_entity.id
_entity.type
_entity.pdbx_description
1 polymer ODcase
2 non-polymer "6-AZA URIDINE 5'-MONOPHOSPHATE"
3 water water
#
_entity_poly.entity_id   1
_entity_poly.type   'polypeptide(L)'
_entity_poly.pdbx_seq_one_letter_code
;MGSSHHHHHHSSGLVPRGSNLKIKLQKRRDEVNTCLCIGLDPDEADIKSFMQSEKQNGYQSVKKNLSNSGSSSSSSNSSS
GKGELFAPQMGGQMLLAETPPKEAQEKDEFFYFFNHFCFYIINETKEYALAYKMNFAFYLPYGSLGVDVLKNVFDYLHHL
NVPTILDIKMNDIGNTVKHYRKFIFDYLRSDSCTANIYMGTQMLRDICLDEECKRYYSTFVLVKTTNADSHIFQNRLSLD
GKEAYVVIAEEAQKMAKQLHLEENGEFVGFVVGANCYDEIKKIRELFPDCYILAPGVGAQKGDLRKMLCNGYSKNYEKVL
INVGRAITKSGSPQQAAREYHQQIKEVLAELQE
;
_entity_poly.pdbx_strand_id   A
#
loop_
_chem_comp.id
_chem_comp.type
_chem_comp.name
_chem_comp.formula
UP6 non-polymer '6-AZA URIDINE 5'-MONOPHOSPHATE' 'C8 H12 N3 O9 P'
#
# COMPACT_ATOMS: atom_id res chain seq x y z
N LEU A 21 12.00 5.18 -7.90
CA LEU A 21 10.56 4.77 -7.82
C LEU A 21 9.67 5.36 -8.91
N LYS A 22 9.97 6.60 -9.34
CA LYS A 22 9.15 7.20 -10.40
C LYS A 22 9.23 6.33 -11.67
N ILE A 23 10.45 5.93 -12.01
CA ILE A 23 10.72 5.03 -13.13
C ILE A 23 10.12 3.65 -12.90
N LYS A 24 10.29 3.11 -11.68
CA LYS A 24 9.77 1.79 -11.33
C LYS A 24 8.25 1.76 -11.52
N LEU A 25 7.55 2.79 -11.03
CA LEU A 25 6.09 2.87 -11.19
C LEU A 25 5.66 3.05 -12.65
N GLN A 26 6.38 3.89 -13.40
CA GLN A 26 6.08 4.06 -14.84
C GLN A 26 6.25 2.73 -15.59
N LYS A 27 7.35 2.03 -15.36
CA LYS A 27 7.56 0.71 -16.00
C LYS A 27 6.49 -0.32 -15.64
N ARG A 28 6.15 -0.40 -14.35
CA ARG A 28 5.09 -1.28 -13.88
C ARG A 28 3.73 -0.94 -14.51
N ARG A 29 3.41 0.36 -14.55
CA ARG A 29 2.21 0.89 -15.21
C ARG A 29 2.05 0.37 -16.63
N ASP A 30 3.13 0.44 -17.41
CA ASP A 30 3.09 0.03 -18.82
C ASP A 30 2.97 -1.48 -18.94
N GLU A 31 3.40 -2.21 -17.91
CA GLU A 31 3.31 -3.66 -17.94
C GLU A 31 1.92 -4.22 -17.54
N VAL A 32 1.26 -3.63 -16.53
CA VAL A 32 -0.05 -4.12 -16.11
C VAL A 32 -1.25 -3.24 -16.57
N ASN A 33 -0.96 -2.04 -17.08
CA ASN A 33 -1.95 -1.15 -17.67
C ASN A 33 -3.06 -0.78 -16.69
N THR A 34 -2.68 -0.42 -15.45
CA THR A 34 -3.65 -0.07 -14.43
C THR A 34 -2.97 0.83 -13.39
N CYS A 35 -3.78 1.35 -12.50
CA CYS A 35 -3.31 2.11 -11.34
C CYS A 35 -3.87 1.47 -10.08
N LEU A 36 -4.33 0.22 -10.19
CA LEU A 36 -4.87 -0.52 -9.05
C LEU A 36 -3.75 -0.86 -8.07
N CYS A 37 -3.97 -0.48 -6.80
CA CYS A 37 -3.08 -0.84 -5.70
C CYS A 37 -3.86 -1.83 -4.85
N ILE A 38 -3.34 -3.04 -4.66
CA ILE A 38 -4.03 -4.03 -3.83
C ILE A 38 -3.68 -3.82 -2.36
N GLY A 39 -4.69 -3.71 -1.51
CA GLY A 39 -4.43 -3.55 -0.08
C GLY A 39 -4.40 -4.94 0.55
N LEU A 40 -3.38 -5.21 1.34
CA LEU A 40 -3.24 -6.50 2.00
C LEU A 40 -3.23 -6.28 3.52
N ASP A 41 -4.43 -6.30 4.09
CA ASP A 41 -4.68 -6.04 5.50
C ASP A 41 -5.40 -7.25 6.15
N PRO A 42 -4.69 -8.39 6.34
CA PRO A 42 -5.37 -9.61 6.79
C PRO A 42 -5.75 -9.57 8.26
N ASP A 43 -7.02 -9.78 8.54
CA ASP A 43 -7.47 -9.79 9.93
C ASP A 43 -7.61 -11.24 10.41
N GLU A 44 -7.94 -11.43 11.69
CA GLU A 44 -7.90 -12.79 12.23
C GLU A 44 -8.91 -13.71 11.53
N ALA A 45 -10.08 -13.17 11.17
CA ALA A 45 -11.11 -13.93 10.44
C ALA A 45 -10.60 -14.41 9.10
N ASP A 46 -9.84 -13.57 8.41
CA ASP A 46 -9.30 -13.90 7.09
C ASP A 46 -8.38 -15.09 7.23
N ILE A 47 -7.48 -15.03 8.22
CA ILE A 47 -6.45 -16.07 8.37
C ILE A 47 -7.13 -17.38 8.77
N LYS A 48 -7.98 -17.31 9.79
CA LYS A 48 -8.70 -18.48 10.32
C LYS A 48 -9.55 -19.14 9.24
N SER A 49 -10.29 -18.32 8.50
CA SER A 49 -11.11 -18.82 7.39
C SER A 49 -10.30 -19.44 6.23
N PHE A 50 -9.16 -18.83 5.89
CA PHE A 50 -8.25 -19.41 4.90
C PHE A 50 -7.69 -20.75 5.37
N MET A 51 -7.21 -20.82 6.63
CA MET A 51 -6.79 -22.09 7.21
C MET A 51 -7.91 -23.16 7.11
N GLN A 52 -9.11 -22.76 7.50
CA GLN A 52 -10.29 -23.62 7.50
C GLN A 52 -10.57 -24.20 6.11
N SER A 53 -10.59 -23.36 5.09
CA SER A 53 -10.88 -23.87 3.74
C SER A 53 -9.70 -24.62 3.09
N GLU A 54 -8.49 -24.36 3.57
CA GLU A 54 -7.32 -25.11 3.12
C GLU A 54 -7.28 -26.50 3.75
N LYS A 55 -7.69 -26.60 5.02
CA LYS A 55 -7.78 -27.90 5.65
C LYS A 55 -8.81 -28.75 4.92
N GLN A 56 -9.98 -28.17 4.65
CA GLN A 56 -11.09 -28.85 3.98
C GLN A 56 -10.76 -29.25 2.55
N ASN A 57 -10.09 -28.36 1.80
CA ASN A 57 -9.80 -28.59 0.38
C ASN A 57 -8.48 -29.31 0.07
N GLY A 58 -7.76 -29.71 1.11
CA GLY A 58 -6.46 -30.37 0.95
C GLY A 58 -5.30 -29.46 0.57
N TYR A 59 -5.34 -28.21 1.07
CA TYR A 59 -4.24 -27.23 0.90
C TYR A 59 -3.92 -26.83 -0.55
N GLN A 60 -4.97 -26.69 -1.36
CA GLN A 60 -4.81 -26.26 -2.75
C GLN A 60 -4.08 -24.93 -2.95
N SER A 61 -4.39 -23.94 -2.12
CA SER A 61 -3.82 -22.62 -2.33
C SER A 61 -2.33 -22.64 -1.93
N VAL A 62 -2.03 -23.31 -0.82
CA VAL A 62 -0.64 -23.51 -0.40
C VAL A 62 0.18 -24.16 -1.53
N LYS A 63 -0.34 -25.24 -2.13
CA LYS A 63 0.39 -25.91 -3.22
C LYS A 63 0.68 -24.95 -4.39
N LYS A 64 -0.27 -24.08 -4.71
CA LYS A 64 -0.03 -23.04 -5.73
C LYS A 64 1.05 -22.04 -5.31
N ASN A 65 1.05 -21.65 -4.03
CA ASN A 65 2.10 -20.76 -3.51
C ASN A 65 3.48 -21.37 -3.71
N LEU A 66 3.56 -22.69 -3.54
CA LEU A 66 4.84 -23.40 -3.62
C LEU A 66 5.38 -23.54 -5.04
N SER A 67 4.47 -23.70 -6.01
CA SER A 67 4.86 -23.83 -7.42
C SER A 67 4.94 -22.49 -8.15
N ASN A 68 4.06 -21.55 -7.80
CA ASN A 68 3.88 -20.34 -8.60
C ASN A 68 4.53 -19.05 -8.11
N SER A 69 5.58 -19.19 -7.29
CA SER A 69 6.26 -18.05 -6.67
C SER A 69 7.50 -17.56 -7.43
N GLY A 70 7.63 -17.96 -8.70
CA GLY A 70 8.79 -17.65 -9.51
C GLY A 70 9.13 -16.18 -9.67
N GLU A 84 14.81 -18.90 -9.11
CA GLU A 84 13.54 -18.32 -9.56
C GLU A 84 12.39 -18.46 -8.54
N LEU A 85 12.20 -19.63 -7.93
CA LEU A 85 11.19 -19.74 -6.85
C LEU A 85 11.63 -18.97 -5.59
N PHE A 86 10.66 -18.41 -4.86
CA PHE A 86 10.96 -17.61 -3.66
C PHE A 86 11.27 -18.49 -2.45
N ALA A 87 12.33 -18.14 -1.72
CA ALA A 87 12.66 -18.80 -0.47
C ALA A 87 12.48 -17.83 0.71
N PRO A 88 11.33 -17.95 1.43
CA PRO A 88 11.04 -17.11 2.61
C PRO A 88 12.21 -17.11 3.59
N GLN A 89 12.64 -15.94 4.05
CA GLN A 89 13.76 -15.90 4.99
C GLN A 89 13.31 -16.23 6.43
N MET A 90 12.06 -15.93 6.77
CA MET A 90 11.59 -16.13 8.15
C MET A 90 10.72 -17.39 8.21
N GLY A 91 11.25 -18.44 8.82
CA GLY A 91 10.59 -19.76 8.81
C GLY A 91 10.40 -20.34 7.41
N GLY A 92 11.41 -20.22 6.54
CA GLY A 92 11.31 -20.66 5.14
C GLY A 92 11.10 -22.16 5.00
N GLN A 93 11.81 -22.94 5.81
CA GLN A 93 11.67 -24.40 5.76
C GLN A 93 10.26 -24.89 6.07
N MET A 94 9.67 -24.40 7.17
CA MET A 94 8.32 -24.83 7.53
C MET A 94 7.24 -24.35 6.54
N LEU A 95 7.46 -23.16 5.97
CA LEU A 95 6.53 -22.59 5.00
C LEU A 95 6.57 -23.36 3.68
N LEU A 96 7.78 -23.79 3.28
CA LEU A 96 7.97 -24.55 2.05
C LEU A 96 7.76 -26.06 2.23
N ALA A 97 7.51 -26.50 3.46
CA ALA A 97 7.42 -27.93 3.82
C ALA A 97 6.39 -28.75 3.06
N GLU A 98 6.66 -30.07 2.93
CA GLU A 98 5.77 -31.00 2.24
C GLU A 98 4.43 -31.14 2.97
N THR A 99 4.45 -31.03 4.29
CA THR A 99 3.25 -31.08 5.13
C THR A 99 3.25 -29.90 6.11
N PRO A 100 2.12 -29.17 6.23
CA PRO A 100 1.91 -28.09 7.22
C PRO A 100 2.15 -28.49 8.68
N PRO A 101 2.38 -27.50 9.59
CA PRO A 101 2.45 -27.79 11.03
C PRO A 101 1.18 -28.43 11.57
N LYS A 102 1.31 -29.19 12.67
CA LYS A 102 0.19 -29.88 13.30
C LYS A 102 -0.58 -28.93 14.20
N GLU A 103 -1.84 -29.25 14.45
CA GLU A 103 -2.74 -28.35 15.16
C GLU A 103 -2.32 -28.11 16.61
N ALA A 104 -1.53 -29.05 17.15
CA ALA A 104 -0.98 -28.93 18.51
C ALA A 104 -0.02 -27.74 18.62
N GLN A 105 0.66 -27.45 17.51
CA GLN A 105 1.54 -26.29 17.38
C GLN A 105 0.76 -25.05 16.88
N GLU A 106 -0.05 -24.51 17.79
CA GLU A 106 -1.00 -23.45 17.49
C GLU A 106 -0.36 -22.21 16.89
N LYS A 107 0.76 -21.79 17.48
CA LYS A 107 1.49 -20.63 17.00
C LYS A 107 2.08 -20.86 15.60
N ASP A 108 2.77 -21.99 15.41
CA ASP A 108 3.38 -22.33 14.12
C ASP A 108 2.33 -22.41 13.00
N GLU A 109 1.18 -22.97 13.37
CA GLU A 109 0.09 -23.19 12.45
C GLU A 109 -0.49 -21.84 12.03
N PHE A 110 -0.62 -20.96 13.01
CA PHE A 110 -1.11 -19.63 12.74
C PHE A 110 -0.16 -18.85 11.80
N PHE A 111 1.13 -18.84 12.14
CA PHE A 111 2.19 -18.28 11.28
C PHE A 111 2.15 -18.86 9.85
N TYR A 112 2.03 -20.18 9.74
CA TYR A 112 2.02 -20.86 8.43
C TYR A 112 0.86 -20.36 7.54
N PHE A 113 -0.33 -20.29 8.12
CA PHE A 113 -1.50 -19.88 7.35
C PHE A 113 -1.67 -18.39 7.14
N PHE A 114 -1.07 -17.59 8.03
CA PHE A 114 -0.94 -16.13 7.83
C PHE A 114 -0.08 -15.85 6.59
N ASN A 115 1.12 -16.46 6.54
CA ASN A 115 2.04 -16.26 5.41
C ASN A 115 1.42 -16.70 4.10
N HIS A 116 0.83 -17.91 4.13
CA HIS A 116 0.23 -18.46 2.92
C HIS A 116 -1.05 -17.72 2.51
N PHE A 117 -1.80 -17.19 3.46
CA PHE A 117 -2.90 -16.30 3.06
C PHE A 117 -2.40 -15.11 2.26
N CYS A 118 -1.40 -14.42 2.80
CA CYS A 118 -0.74 -13.30 2.10
C CYS A 118 -0.20 -13.70 0.75
N PHE A 119 0.53 -14.83 0.67
CA PHE A 119 1.12 -15.29 -0.60
C PHE A 119 0.04 -15.57 -1.64
N TYR A 120 -1.06 -16.16 -1.19
CA TYR A 120 -2.22 -16.49 -2.00
C TYR A 120 -2.88 -15.24 -2.58
N ILE A 121 -3.10 -14.23 -1.73
CA ILE A 121 -3.70 -12.99 -2.25
C ILE A 121 -2.76 -12.41 -3.34
N ILE A 122 -1.46 -12.41 -3.08
CA ILE A 122 -0.50 -11.91 -4.07
C ILE A 122 -0.54 -12.71 -5.39
N ASN A 123 -0.39 -14.02 -5.32
CA ASN A 123 -0.36 -14.85 -6.53
C ASN A 123 -1.63 -14.78 -7.33
N GLU A 124 -2.75 -14.71 -6.64
CA GLU A 124 -4.07 -14.52 -7.28
C GLU A 124 -4.27 -13.17 -7.97
N THR A 125 -3.58 -12.13 -7.49
CA THR A 125 -3.83 -10.76 -7.94
C THR A 125 -2.70 -10.00 -8.63
N LYS A 126 -1.49 -10.54 -8.63
CA LYS A 126 -0.31 -9.75 -9.01
C LYS A 126 -0.36 -9.31 -10.47
N GLU A 127 -0.99 -10.09 -11.34
CA GLU A 127 -1.13 -9.68 -12.73
C GLU A 127 -1.90 -8.35 -12.92
N TYR A 128 -2.79 -8.04 -11.98
CA TYR A 128 -3.65 -6.83 -12.02
C TYR A 128 -3.16 -5.66 -11.14
N ALA A 129 -1.99 -5.82 -10.53
CA ALA A 129 -1.56 -4.87 -9.48
C ALA A 129 -0.41 -3.95 -9.93
N LEU A 130 -0.64 -2.63 -9.88
CA LEU A 130 0.44 -1.64 -9.99
C LEU A 130 1.33 -1.61 -8.70
N ALA A 131 0.70 -1.87 -7.55
CA ALA A 131 1.43 -1.85 -6.28
C ALA A 131 0.66 -2.70 -5.27
N TYR A 132 1.29 -3.00 -4.12
CA TYR A 132 0.58 -3.52 -2.95
C TYR A 132 0.85 -2.59 -1.78
N LYS A 133 -0.15 -2.41 -0.94
CA LYS A 133 0.01 -1.58 0.25
C LYS A 133 -0.38 -2.45 1.43
N MET A 134 0.56 -2.59 2.35
CA MET A 134 0.33 -3.43 3.51
C MET A 134 0.14 -2.54 4.70
N ASN A 135 -0.99 -2.66 5.41
CA ASN A 135 -1.15 -1.81 6.57
C ASN A 135 -0.55 -2.46 7.81
N PHE A 136 0.47 -1.79 8.36
CA PHE A 136 1.28 -2.27 9.51
C PHE A 136 0.46 -2.76 10.70
N ALA A 137 -0.63 -2.07 11.03
CA ALA A 137 -1.50 -2.44 12.16
C ALA A 137 -1.90 -3.93 12.18
N PHE A 138 -2.18 -4.48 11.00
CA PHE A 138 -2.69 -5.84 10.87
C PHE A 138 -1.62 -6.89 11.18
N TYR A 139 -0.36 -6.48 11.18
CA TYR A 139 0.76 -7.41 11.40
C TYR A 139 1.33 -7.33 12.82
N LEU A 140 0.59 -6.68 13.70
CA LEU A 140 1.04 -6.42 15.07
C LEU A 140 0.35 -7.15 16.23
N PRO A 141 -0.96 -7.46 16.12
CA PRO A 141 -1.68 -8.01 17.29
C PRO A 141 -1.09 -9.32 17.86
N TYR A 142 -0.25 -9.99 17.10
CA TYR A 142 0.27 -11.33 17.51
C TYR A 142 1.72 -11.22 17.98
N GLY A 143 2.23 -10.00 18.10
CA GLY A 143 3.64 -9.81 18.48
C GLY A 143 4.61 -10.01 17.33
N SER A 144 5.77 -10.57 17.62
CA SER A 144 6.83 -10.69 16.65
C SER A 144 6.41 -11.57 15.48
N LEU A 145 5.54 -12.56 15.75
CA LEU A 145 5.04 -13.47 14.70
C LEU A 145 4.64 -12.74 13.43
N GLY A 146 3.79 -11.72 13.57
CA GLY A 146 3.22 -10.99 12.44
C GLY A 146 4.23 -10.07 11.74
N VAL A 147 5.26 -9.66 12.47
CA VAL A 147 6.35 -8.86 11.86
C VAL A 147 7.22 -9.76 10.96
N ASP A 148 7.45 -11.01 11.38
CA ASP A 148 8.12 -11.97 10.52
C ASP A 148 7.30 -12.22 9.24
N VAL A 149 5.99 -12.26 9.37
CA VAL A 149 5.07 -12.42 8.21
C VAL A 149 5.22 -11.20 7.30
N LEU A 150 5.15 -10.02 7.91
CA LEU A 150 5.31 -8.77 7.17
C LEU A 150 6.66 -8.75 6.42
N LYS A 151 7.73 -9.17 7.10
CA LYS A 151 9.05 -9.31 6.45
C LYS A 151 8.98 -10.23 5.24
N ASN A 152 8.39 -11.42 5.41
CA ASN A 152 8.20 -12.38 4.29
C ASN A 152 7.41 -11.84 3.09
N VAL A 153 6.32 -11.11 3.38
CA VAL A 153 5.51 -10.43 2.36
C VAL A 153 6.33 -9.41 1.56
N PHE A 154 7.03 -8.53 2.27
CA PHE A 154 7.85 -7.51 1.60
C PHE A 154 8.98 -8.17 0.81
N ASP A 155 9.57 -9.21 1.36
CA ASP A 155 10.64 -9.92 0.65
C ASP A 155 10.14 -10.59 -0.62
N TYR A 156 8.99 -11.25 -0.53
CA TYR A 156 8.37 -11.85 -1.72
C TYR A 156 8.04 -10.84 -2.81
N LEU A 157 7.44 -9.71 -2.41
CA LEU A 157 7.14 -8.64 -3.34
C LEU A 157 8.42 -8.02 -3.93
N HIS A 158 9.47 -7.90 -3.12
CA HIS A 158 10.81 -7.52 -3.61
C HIS A 158 11.34 -8.54 -4.64
N HIS A 159 11.12 -9.81 -4.37
CA HIS A 159 11.48 -10.93 -5.26
C HIS A 159 10.73 -10.82 -6.60
N LEU A 160 9.43 -10.52 -6.53
CA LEU A 160 8.61 -10.28 -7.72
C LEU A 160 8.85 -8.89 -8.38
N ASN A 161 9.55 -8.02 -7.68
CA ASN A 161 9.75 -6.59 -8.02
C ASN A 161 8.48 -5.76 -8.22
N VAL A 162 7.43 -6.12 -7.50
CA VAL A 162 6.19 -5.31 -7.53
C VAL A 162 6.34 -4.12 -6.52
N PRO A 163 5.99 -2.86 -6.91
CA PRO A 163 6.05 -1.70 -6.01
C PRO A 163 5.30 -1.89 -4.69
N THR A 164 5.90 -1.42 -3.59
CA THR A 164 5.39 -1.70 -2.26
C THR A 164 5.15 -0.42 -1.48
N ILE A 165 4.09 -0.44 -0.68
CA ILE A 165 3.82 0.64 0.24
C ILE A 165 3.56 0.07 1.64
N LEU A 166 4.26 0.59 2.64
CA LEU A 166 3.88 0.28 4.02
C LEU A 166 2.98 1.40 4.53
N ASP A 167 1.73 1.08 4.87
CA ASP A 167 0.83 2.06 5.43
C ASP A 167 1.01 2.02 6.96
N ILE A 168 1.68 3.06 7.44
CA ILE A 168 2.04 3.19 8.85
C ILE A 168 1.65 4.58 9.42
N LYS A 169 1.46 5.57 8.55
CA LYS A 169 1.12 6.93 8.93
C LYS A 169 2.09 7.41 10.01
N MET A 170 3.36 7.12 9.77
CA MET A 170 4.40 7.31 10.76
C MET A 170 4.64 8.80 11.00
N ASN A 171 4.97 9.15 12.24
CA ASN A 171 5.28 10.54 12.60
C ASN A 171 6.08 10.59 13.92
N ASP A 172 7.12 11.42 13.97
CA ASP A 172 7.80 11.70 15.24
C ASP A 172 8.85 12.77 15.02
N ILE A 173 9.74 12.98 16.01
CA ILE A 173 10.81 13.97 15.82
C ILE A 173 11.87 13.30 14.96
N GLY A 174 12.73 14.09 14.34
CA GLY A 174 13.76 13.57 13.43
C GLY A 174 14.53 12.36 13.94
N ASN A 175 15.06 12.43 15.16
CA ASN A 175 15.91 11.35 15.66
C ASN A 175 15.16 10.03 15.76
N THR A 176 13.89 10.09 16.14
CA THR A 176 13.06 8.91 16.28
C THR A 176 12.68 8.35 14.90
N VAL A 177 12.27 9.25 14.03
CA VAL A 177 11.96 8.93 12.61
C VAL A 177 13.08 8.17 11.86
N LYS A 178 14.34 8.46 12.17
CA LYS A 178 15.48 7.73 11.59
C LYS A 178 15.33 6.21 11.82
N HIS A 179 14.83 5.86 12.99
CA HIS A 179 14.65 4.45 13.32
C HIS A 179 13.46 3.83 12.58
N TYR A 180 12.38 4.58 12.40
CA TYR A 180 11.30 4.16 11.52
C TYR A 180 11.82 3.97 10.07
N ARG A 181 12.57 4.94 9.55
CA ARG A 181 13.21 4.78 8.24
C ARG A 181 14.00 3.46 8.09
N LYS A 182 14.78 3.09 9.11
CA LYS A 182 15.60 1.86 9.10
C LYS A 182 14.68 0.65 8.99
N PHE A 183 13.62 0.62 9.79
CA PHE A 183 12.66 -0.47 9.63
C PHE A 183 12.04 -0.54 8.22
N ILE A 184 11.45 0.57 7.80
CA ILE A 184 10.70 0.61 6.55
C ILE A 184 11.58 0.42 5.30
N PHE A 185 12.70 1.13 5.26
CA PHE A 185 13.49 1.20 4.04
C PHE A 185 14.71 0.29 4.01
N ASP A 186 15.33 0.05 5.16
CA ASP A 186 16.46 -0.89 5.21
C ASP A 186 16.00 -2.30 5.43
N TYR A 187 15.20 -2.51 6.47
CA TYR A 187 14.80 -3.87 6.85
C TYR A 187 13.75 -4.49 5.91
N LEU A 188 12.62 -3.78 5.75
CA LEU A 188 11.56 -4.23 4.84
C LEU A 188 11.89 -3.96 3.38
N ARG A 189 12.81 -3.02 3.12
CA ARG A 189 13.15 -2.60 1.75
C ARG A 189 11.93 -2.08 0.97
N SER A 190 11.04 -1.37 1.70
CA SER A 190 9.83 -0.80 1.10
C SER A 190 10.19 0.24 0.05
N ASP A 191 9.38 0.33 -0.99
CA ASP A 191 9.53 1.40 -1.96
C ASP A 191 9.05 2.71 -1.36
N SER A 192 8.03 2.62 -0.51
CA SER A 192 7.44 3.83 0.10
C SER A 192 6.66 3.50 1.37
N CYS A 193 6.25 4.57 2.07
CA CYS A 193 5.38 4.47 3.21
C CYS A 193 4.42 5.67 3.23
N THR A 194 3.54 5.67 4.23
CA THR A 194 2.66 6.81 4.50
C THR A 194 3.18 7.50 5.74
N ALA A 195 2.89 8.79 5.85
CA ALA A 195 3.45 9.62 6.89
C ALA A 195 2.42 10.68 7.25
N ASN A 196 2.44 11.12 8.50
CA ASN A 196 1.48 12.08 9.00
C ASN A 196 2.28 13.30 9.43
N ILE A 197 2.05 14.45 8.81
CA ILE A 197 2.95 15.60 9.10
C ILE A 197 2.39 16.68 9.98
N TYR A 198 1.46 16.28 10.87
CA TYR A 198 0.87 17.24 11.81
C TYR A 198 1.98 17.98 12.56
N MET A 199 3.04 17.24 12.91
CA MET A 199 4.20 17.78 13.60
C MET A 199 5.00 18.83 12.79
N GLY A 200 4.88 18.81 11.46
CA GLY A 200 5.71 19.70 10.61
C GLY A 200 6.34 18.95 9.45
N THR A 201 6.93 19.68 8.51
CA THR A 201 7.51 19.04 7.30
C THR A 201 9.01 18.68 7.42
N GLN A 202 9.67 19.18 8.46
CA GLN A 202 11.09 18.96 8.61
C GLN A 202 11.33 17.47 8.84
N MET A 203 10.33 16.81 9.43
CA MET A 203 10.29 15.35 9.54
C MET A 203 10.60 14.64 8.22
N LEU A 204 10.17 15.22 7.09
CA LEU A 204 10.39 14.57 5.81
C LEU A 204 11.87 14.39 5.52
N ARG A 205 12.70 15.27 6.06
CA ARG A 205 14.14 15.14 5.86
C ARG A 205 14.70 13.84 6.45
N ASP A 206 14.08 13.30 7.50
CA ASP A 206 14.61 12.09 8.10
C ASP A 206 13.97 10.80 7.62
N ILE A 207 12.83 10.89 6.93
CA ILE A 207 12.19 9.69 6.39
C ILE A 207 12.57 9.50 4.92
N CYS A 208 12.75 10.61 4.20
CA CYS A 208 13.03 10.59 2.76
C CYS A 208 14.49 10.56 2.34
N LEU A 209 15.39 10.74 3.31
CA LEU A 209 16.84 10.72 3.03
C LEU A 209 17.51 9.89 4.09
N ASP A 210 18.57 9.18 3.73
CA ASP A 210 19.40 8.48 4.73
C ASP A 210 20.52 9.39 5.27
N CYS A 213 21.53 12.42 2.98
CA CYS A 213 22.41 12.91 1.95
C CYS A 213 22.48 12.03 0.67
N LYS A 214 22.62 10.71 0.80
CA LYS A 214 22.93 9.86 -0.39
C LYS A 214 21.87 8.87 -0.91
N ARG A 215 21.05 8.31 -0.02
CA ARG A 215 19.87 7.53 -0.44
C ARG A 215 18.60 8.35 -0.24
N TYR A 216 17.66 8.17 -1.17
CA TYR A 216 16.43 8.92 -1.23
C TYR A 216 15.26 7.96 -1.25
N TYR A 217 14.17 8.32 -0.56
CA TYR A 217 12.99 7.44 -0.45
C TYR A 217 11.70 8.20 -0.65
N SER A 218 10.66 7.50 -1.09
CA SER A 218 9.38 8.17 -1.33
C SER A 218 8.41 7.91 -0.17
N THR A 219 7.55 8.89 0.09
CA THR A 219 6.48 8.79 1.11
C THR A 219 5.21 9.50 0.63
N PHE A 220 4.07 9.13 1.20
CA PHE A 220 2.82 9.80 0.89
C PHE A 220 2.33 10.39 2.22
N VAL A 221 2.09 11.69 2.25
CA VAL A 221 1.64 12.38 3.46
C VAL A 221 0.13 12.42 3.48
N LEU A 222 -0.46 12.29 4.67
CA LEU A 222 -1.90 12.43 4.83
C LEU A 222 -2.32 13.86 4.55
N VAL A 223 -3.19 13.99 3.55
CA VAL A 223 -3.82 15.28 3.22
C VAL A 223 -5.32 15.29 3.61
N LYS A 224 -6.09 14.37 3.02
CA LYS A 224 -7.52 14.29 3.26
C LYS A 224 -7.89 12.80 3.42
N THR A 225 -8.54 12.46 4.52
CA THR A 225 -8.76 11.05 4.84
C THR A 225 -10.26 10.67 4.72
N THR A 226 -10.53 9.36 4.69
CA THR A 226 -11.84 8.85 4.26
C THR A 226 -12.89 8.85 5.35
N ASN A 227 -12.46 8.91 6.63
CA ASN A 227 -13.37 8.83 7.78
C ASN A 227 -14.35 10.00 7.84
N ALA A 228 -15.52 9.72 8.43
CA ALA A 228 -16.66 10.61 8.35
C ALA A 228 -16.36 11.97 8.94
N ASP A 229 -15.52 12.02 9.97
CA ASP A 229 -15.29 13.29 10.67
C ASP A 229 -13.97 13.98 10.26
N SER A 230 -13.39 13.55 9.15
CA SER A 230 -12.07 14.08 8.73
C SER A 230 -12.08 15.57 8.45
N HIS A 231 -13.26 16.14 8.29
CA HIS A 231 -13.36 17.58 7.99
C HIS A 231 -13.05 18.48 9.20
N ILE A 232 -13.18 17.92 10.40
CA ILE A 232 -13.09 18.70 11.64
C ILE A 232 -11.75 19.45 11.79
N PHE A 233 -10.66 18.83 11.32
CA PHE A 233 -9.36 19.53 11.30
C PHE A 233 -8.89 19.81 9.87
N GLN A 234 -9.19 18.91 8.94
CA GLN A 234 -8.63 19.00 7.59
C GLN A 234 -9.28 20.09 6.75
N ASN A 235 -10.50 20.46 7.10
CA ASN A 235 -11.22 21.50 6.34
C ASN A 235 -11.58 22.73 7.17
N ARG A 236 -12.02 22.55 8.42
CA ARG A 236 -12.43 23.69 9.27
C ARG A 236 -11.26 24.58 9.72
N LEU A 237 -10.09 23.99 9.97
CA LEU A 237 -8.89 24.81 10.24
C LEU A 237 -8.37 25.43 8.92
N SER A 238 -7.83 26.64 9.01
CA SER A 238 -7.38 27.33 7.81
C SER A 238 -6.27 28.31 8.12
N LEU A 239 -5.66 28.82 7.05
CA LEU A 239 -4.74 29.94 7.15
C LEU A 239 -4.94 30.84 5.95
N ASP A 240 -5.28 32.10 6.23
CA ASP A 240 -5.46 33.12 5.16
C ASP A 240 -6.40 32.63 4.04
N GLY A 241 -7.55 32.08 4.40
CA GLY A 241 -8.49 31.59 3.40
C GLY A 241 -8.29 30.16 2.89
N LYS A 242 -7.11 29.58 3.14
CA LYS A 242 -6.81 28.25 2.61
C LYS A 242 -7.10 27.19 3.63
N GLU A 243 -7.85 26.17 3.24
CA GLU A 243 -8.16 25.07 4.17
C GLU A 243 -6.91 24.32 4.64
N ALA A 244 -6.99 23.73 5.81
CA ALA A 244 -5.83 23.03 6.37
C ALA A 244 -5.19 22.06 5.37
N TYR A 245 -6.02 21.30 4.62
CA TYR A 245 -5.48 20.24 3.78
C TYR A 245 -4.62 20.81 2.67
N VAL A 246 -4.99 22.02 2.22
CA VAL A 246 -4.26 22.72 1.19
C VAL A 246 -2.95 23.24 1.74
N VAL A 247 -3.01 23.88 2.92
CA VAL A 247 -1.80 24.37 3.58
C VAL A 247 -0.83 23.19 3.76
N ILE A 248 -1.34 22.07 4.25
CA ILE A 248 -0.50 20.86 4.42
C ILE A 248 0.15 20.39 3.09
N ALA A 249 -0.63 20.33 2.01
CA ALA A 249 -0.11 19.93 0.69
C ALA A 249 0.99 20.90 0.18
N GLU A 250 0.71 22.20 0.28
CA GLU A 250 1.64 23.27 -0.13
C GLU A 250 2.97 23.23 0.61
N GLU A 251 2.91 23.10 1.94
CA GLU A 251 4.11 23.03 2.75
C GLU A 251 4.85 21.75 2.47
N ALA A 252 4.13 20.67 2.22
CA ALA A 252 4.76 19.40 1.91
C ALA A 252 5.59 19.50 0.60
N GLN A 253 5.00 20.06 -0.45
CA GLN A 253 5.76 20.20 -1.70
C GLN A 253 6.92 21.20 -1.64
N LYS A 254 6.76 22.29 -0.88
CA LYS A 254 7.87 23.21 -0.56
C LYS A 254 9.07 22.41 -0.01
N MET A 255 8.80 21.51 0.93
CA MET A 255 9.87 20.69 1.49
C MET A 255 10.40 19.64 0.51
N ALA A 256 9.52 19.00 -0.24
CA ALA A 256 9.95 18.03 -1.26
C ALA A 256 10.99 18.65 -2.22
N LYS A 257 10.74 19.90 -2.61
CA LYS A 257 11.64 20.63 -3.50
C LYS A 257 12.96 20.98 -2.81
N GLN A 258 12.90 21.38 -1.54
CA GLN A 258 14.11 21.65 -0.77
C GLN A 258 14.96 20.40 -0.59
N LEU A 259 14.34 19.24 -0.65
CA LEU A 259 15.04 17.99 -0.45
C LEU A 259 15.59 17.42 -1.76
N HIS A 260 15.22 18.02 -2.87
CA HIS A 260 15.66 17.55 -4.20
C HIS A 260 15.30 16.08 -4.47
N LEU A 261 14.17 15.60 -3.93
CA LEU A 261 13.75 14.21 -4.17
C LEU A 261 13.56 13.89 -5.63
N GLU A 262 12.90 14.77 -6.36
CA GLU A 262 12.48 14.41 -7.70
C GLU A 262 13.63 14.29 -8.70
N GLU A 263 14.68 15.09 -8.49
CA GLU A 263 15.98 14.95 -9.21
C GLU A 263 16.65 13.61 -8.94
N ASN A 264 16.29 13.00 -7.82
CA ASN A 264 16.87 11.75 -7.38
C ASN A 264 15.91 10.58 -7.50
N GLY A 265 14.86 10.78 -8.31
CA GLY A 265 13.93 9.70 -8.72
C GLY A 265 12.81 9.37 -7.74
N GLU A 266 12.57 10.26 -6.77
CA GLU A 266 11.65 9.94 -5.66
C GLU A 266 10.66 11.09 -5.50
N PHE A 267 9.67 10.93 -4.62
CA PHE A 267 8.68 12.00 -4.49
C PHE A 267 8.08 12.00 -3.09
N VAL A 268 7.43 13.10 -2.73
CA VAL A 268 6.48 13.08 -1.63
C VAL A 268 5.07 13.20 -2.24
N GLY A 269 4.28 12.14 -2.09
CA GLY A 269 2.91 12.10 -2.59
C GLY A 269 1.91 12.41 -1.49
N PHE A 270 0.62 12.25 -1.81
CA PHE A 270 -0.47 12.71 -0.96
C PHE A 270 -1.48 11.58 -0.76
N VAL A 271 -1.93 11.36 0.48
CA VAL A 271 -3.05 10.45 0.67
C VAL A 271 -4.31 11.32 0.63
N VAL A 272 -5.18 11.03 -0.34
CA VAL A 272 -6.43 11.74 -0.53
C VAL A 272 -7.53 10.70 -0.70
N GLY A 273 -8.50 10.71 0.20
CA GLY A 273 -9.53 9.66 0.25
C GLY A 273 -10.34 9.58 -1.04
N ALA A 274 -10.70 8.36 -1.42
CA ALA A 274 -11.51 8.10 -2.62
C ALA A 274 -12.92 8.72 -2.56
N ASN A 275 -13.39 9.05 -1.36
CA ASN A 275 -14.68 9.71 -1.21
C ASN A 275 -14.52 11.23 -1.08
N CYS A 276 -13.31 11.74 -1.24
CA CYS A 276 -13.05 13.19 -1.03
C CYS A 276 -12.95 13.86 -2.40
N TYR A 277 -14.08 13.91 -3.11
CA TYR A 277 -14.08 14.31 -4.52
C TYR A 277 -13.58 15.74 -4.77
N ASP A 278 -14.07 16.68 -3.97
CA ASP A 278 -13.70 18.10 -4.07
C ASP A 278 -12.18 18.31 -3.83
N GLU A 279 -11.68 17.68 -2.76
CA GLU A 279 -10.28 17.77 -2.37
C GLU A 279 -9.33 17.11 -3.40
N ILE A 280 -9.74 15.97 -3.96
CA ILE A 280 -8.88 15.31 -4.95
C ILE A 280 -8.74 16.18 -6.22
N LYS A 281 -9.84 16.85 -6.57
CA LYS A 281 -9.86 17.80 -7.69
C LYS A 281 -8.93 18.97 -7.42
N LYS A 282 -9.08 19.53 -6.21
CA LYS A 282 -8.28 20.66 -5.79
C LYS A 282 -6.81 20.31 -5.79
N ILE A 283 -6.46 19.12 -5.27
CA ILE A 283 -5.07 18.73 -5.16
C ILE A 283 -4.43 18.51 -6.54
N ARG A 284 -5.13 17.82 -7.44
CA ARG A 284 -4.65 17.66 -8.82
C ARG A 284 -4.50 19.02 -9.54
N GLU A 285 -5.44 19.95 -9.28
CA GLU A 285 -5.38 21.31 -9.85
C GLU A 285 -4.11 22.03 -9.41
N LEU A 286 -3.89 22.10 -8.09
CA LEU A 286 -2.74 22.83 -7.52
C LEU A 286 -1.40 22.17 -7.77
N PHE A 287 -1.38 20.85 -7.83
CA PHE A 287 -0.14 20.10 -8.08
C PHE A 287 -0.32 19.09 -9.22
N PRO A 288 -0.27 19.59 -10.48
CA PRO A 288 -0.55 18.73 -11.64
C PRO A 288 0.23 17.41 -11.71
N ASP A 289 1.45 17.41 -11.20
CA ASP A 289 2.34 16.26 -11.34
C ASP A 289 2.50 15.43 -10.07
N CYS A 290 1.69 15.70 -9.04
CA CYS A 290 1.82 14.97 -7.78
C CYS A 290 1.36 13.51 -7.87
N TYR A 291 1.81 12.71 -6.93
CA TYR A 291 1.40 11.31 -6.83
C TYR A 291 0.36 11.23 -5.71
N ILE A 292 -0.80 10.70 -6.07
CA ILE A 292 -1.89 10.54 -5.11
C ILE A 292 -2.14 9.07 -4.81
N LEU A 293 -2.29 8.78 -3.51
CA LEU A 293 -2.67 7.45 -3.05
C LEU A 293 -4.07 7.61 -2.48
N ALA A 294 -5.02 6.90 -3.09
CA ALA A 294 -6.44 7.12 -2.81
C ALA A 294 -7.12 5.83 -2.32
N PRO A 295 -7.21 5.68 -1.00
CA PRO A 295 -7.96 4.54 -0.47
C PRO A 295 -9.45 4.86 -0.33
N GLY A 296 -10.26 3.83 -0.14
CA GLY A 296 -11.68 4.03 0.19
C GLY A 296 -12.72 3.46 -0.77
N VAL A 297 -12.23 2.93 -1.89
CA VAL A 297 -13.05 2.18 -2.85
C VAL A 297 -13.30 0.77 -2.32
N GLY A 298 -14.54 0.31 -2.40
CA GLY A 298 -14.84 -1.08 -2.14
C GLY A 298 -15.57 -1.13 -0.83
N ALA A 299 -14.87 -1.59 0.22
CA ALA A 299 -15.47 -1.71 1.56
C ALA A 299 -16.07 -0.37 2.04
N GLN A 300 -15.39 0.74 1.75
CA GLN A 300 -15.83 2.04 2.24
C GLN A 300 -16.64 2.82 1.23
N LYS A 301 -16.99 2.15 0.12
CA LYS A 301 -17.97 2.66 -0.85
C LYS A 301 -17.59 3.95 -1.57
N GLY A 302 -16.28 4.23 -1.69
CA GLY A 302 -15.83 5.37 -2.47
C GLY A 302 -16.17 5.21 -3.94
N ASP A 303 -16.50 6.31 -4.61
CA ASP A 303 -16.95 6.30 -6.01
C ASP A 303 -15.76 6.34 -6.96
N LEU A 304 -15.33 5.15 -7.39
CA LEU A 304 -14.07 5.00 -8.16
C LEU A 304 -14.06 5.92 -9.38
N ARG A 305 -15.15 5.89 -10.14
CA ARG A 305 -15.22 6.70 -11.35
C ARG A 305 -15.17 8.18 -11.02
N LYS A 306 -15.95 8.61 -10.01
CA LYS A 306 -15.99 10.03 -9.64
C LYS A 306 -14.61 10.51 -9.15
N MET A 307 -13.97 9.70 -8.32
CA MET A 307 -12.64 10.08 -7.80
C MET A 307 -11.53 10.06 -8.86
N LEU A 308 -11.52 9.04 -9.72
CA LEU A 308 -10.51 8.93 -10.80
C LEU A 308 -10.65 10.05 -11.84
N CYS A 309 -11.89 10.38 -12.19
CA CYS A 309 -12.13 11.55 -13.03
C CYS A 309 -11.59 12.82 -12.40
N ASN A 310 -11.89 13.03 -11.11
CA ASN A 310 -11.48 14.26 -10.43
C ASN A 310 -9.99 14.36 -10.23
N GLY A 311 -9.33 13.24 -9.97
CA GLY A 311 -7.90 13.24 -9.70
C GLY A 311 -7.02 12.84 -10.86
N TYR A 312 -7.63 12.73 -12.06
CA TYR A 312 -6.95 12.23 -13.27
C TYR A 312 -5.60 12.86 -13.61
N SER A 313 -4.61 12.00 -13.88
CA SER A 313 -3.41 12.39 -14.62
C SER A 313 -3.22 11.42 -15.80
N LYS A 314 -2.78 11.95 -16.94
CA LYS A 314 -2.53 11.07 -18.07
C LYS A 314 -1.45 10.05 -17.70
N ASN A 315 -0.54 10.46 -16.81
CA ASN A 315 0.45 9.57 -16.20
C ASN A 315 -0.22 8.85 -15.04
N TYR A 316 -0.94 7.77 -15.34
CA TYR A 316 -1.96 7.34 -14.40
C TYR A 316 -1.46 6.52 -13.21
N GLU A 317 -0.14 6.26 -13.15
CA GLU A 317 0.45 5.75 -11.89
C GLU A 317 0.37 6.81 -10.75
N LYS A 318 -0.02 8.04 -11.12
CA LYS A 318 -0.11 9.19 -10.20
C LYS A 318 -1.46 9.26 -9.48
N VAL A 319 -2.34 8.29 -9.77
CA VAL A 319 -3.49 7.98 -8.91
C VAL A 319 -3.55 6.48 -8.56
N LEU A 320 -2.99 6.13 -7.41
CA LEU A 320 -3.03 4.75 -6.95
C LEU A 320 -4.37 4.56 -6.27
N ILE A 321 -5.22 3.72 -6.87
CA ILE A 321 -6.54 3.43 -6.31
C ILE A 321 -6.42 2.18 -5.44
N ASN A 322 -6.40 2.38 -4.13
CA ASN A 322 -6.21 1.25 -3.25
C ASN A 322 -7.54 0.51 -3.00
N VAL A 323 -7.52 -0.82 -3.18
CA VAL A 323 -8.67 -1.65 -2.84
C VAL A 323 -8.15 -2.83 -1.95
N GLY A 324 -8.59 -2.85 -0.69
CA GLY A 324 -8.25 -3.92 0.26
C GLY A 324 -9.34 -4.97 0.38
N ARG A 325 -10.28 -4.74 1.32
CA ARG A 325 -11.24 -5.75 1.72
C ARG A 325 -12.13 -6.23 0.58
N ALA A 326 -12.49 -5.32 -0.33
CA ALA A 326 -13.27 -5.68 -1.52
C ALA A 326 -12.57 -6.75 -2.36
N ILE A 327 -11.26 -6.91 -2.20
CA ILE A 327 -10.50 -7.99 -2.84
C ILE A 327 -10.21 -9.13 -1.85
N THR A 328 -9.55 -8.84 -0.72
CA THR A 328 -9.16 -9.86 0.25
C THR A 328 -10.31 -10.62 0.93
N LYS A 329 -11.47 -10.00 1.07
CA LYS A 329 -12.63 -10.68 1.66
C LYS A 329 -13.64 -11.17 0.61
N SER A 330 -13.32 -11.05 -0.67
CA SER A 330 -14.27 -11.48 -1.71
C SER A 330 -14.20 -13.01 -1.85
N GLY A 331 -15.20 -13.61 -2.47
CA GLY A 331 -15.14 -15.06 -2.70
C GLY A 331 -13.99 -15.45 -3.61
N SER A 332 -13.67 -14.55 -4.54
CA SER A 332 -12.58 -14.81 -5.48
C SER A 332 -11.76 -13.53 -5.61
N PRO A 333 -10.64 -13.42 -4.86
CA PRO A 333 -9.78 -12.23 -5.03
C PRO A 333 -9.28 -12.03 -6.46
N GLN A 334 -8.95 -13.12 -7.17
CA GLN A 334 -8.55 -12.98 -8.59
C GLN A 334 -9.62 -12.26 -9.41
N GLN A 335 -10.88 -12.67 -9.28
CA GLN A 335 -11.97 -12.09 -10.08
C GLN A 335 -12.31 -10.68 -9.61
N ALA A 336 -12.32 -10.47 -8.29
CA ALA A 336 -12.43 -9.12 -7.72
C ALA A 336 -11.40 -8.18 -8.33
N ALA A 337 -10.14 -8.60 -8.33
CA ALA A 337 -9.06 -7.79 -8.83
C ALA A 337 -9.28 -7.50 -10.33
N ARG A 338 -9.60 -8.55 -11.08
CA ARG A 338 -9.89 -8.44 -12.49
C ARG A 338 -11.00 -7.43 -12.80
N GLU A 339 -12.07 -7.45 -12.00
CA GLU A 339 -13.22 -6.53 -12.14
C GLU A 339 -12.78 -5.09 -11.93
N TYR A 340 -12.00 -4.86 -10.88
CA TYR A 340 -11.50 -3.50 -10.64
C TYR A 340 -10.58 -3.08 -11.74
N HIS A 341 -9.76 -4.02 -12.20
CA HIS A 341 -8.82 -3.74 -13.29
C HIS A 341 -9.58 -3.24 -14.53
N GLN A 342 -10.67 -3.92 -14.86
CA GLN A 342 -11.55 -3.59 -16.00
C GLN A 342 -12.26 -2.23 -15.83
N GLN A 343 -12.77 -1.97 -14.62
CA GLN A 343 -13.50 -0.72 -14.38
C GLN A 343 -12.56 0.44 -14.57
N ILE A 344 -11.35 0.31 -14.02
CA ILE A 344 -10.33 1.36 -14.12
C ILE A 344 -9.96 1.58 -15.59
N LYS A 345 -9.71 0.48 -16.30
CA LYS A 345 -9.44 0.50 -17.73
C LYS A 345 -10.51 1.29 -18.47
N GLU A 346 -11.77 1.00 -18.16
CA GLU A 346 -12.91 1.65 -18.81
C GLU A 346 -12.99 3.14 -18.52
N VAL A 347 -12.81 3.53 -17.25
CA VAL A 347 -12.83 4.94 -16.82
C VAL A 347 -11.66 5.73 -17.44
N LEU A 348 -10.48 5.12 -17.48
CA LEU A 348 -9.30 5.74 -18.09
C LEU A 348 -9.46 5.94 -19.62
N ALA A 349 -10.23 5.05 -20.25
CA ALA A 349 -10.60 5.21 -21.66
C ALA A 349 -11.52 6.41 -21.81
N GLU A 350 -12.53 6.53 -20.96
CA GLU A 350 -13.41 7.72 -20.94
C GLU A 350 -12.57 9.01 -20.90
N LEU A 351 -11.53 8.98 -20.08
CA LEU A 351 -10.74 10.18 -19.74
C LEU A 351 -9.61 10.51 -20.70
N GLN A 352 -9.18 9.52 -21.47
CA GLN A 352 -7.96 9.65 -22.26
C GLN A 352 -7.92 10.88 -23.18
N1 UP6 B . -6.69 4.20 4.82
C2 UP6 B . -7.99 4.48 4.59
N3 UP6 B . -8.44 5.77 4.54
C4 UP6 B . -7.56 6.79 4.67
C5 UP6 B . -6.19 6.54 4.88
N6 UP6 B . -5.75 5.27 4.95
O2 UP6 B . -8.82 3.57 4.46
O4 UP6 B . -7.97 7.96 4.60
C1' UP6 B . -6.17 2.82 4.84
C2' UP6 B . -6.84 1.89 5.82
C3' UP6 B . -6.72 0.56 5.10
C4' UP6 B . -6.91 0.96 3.64
O2' UP6 B . -6.17 1.90 7.10
O3' UP6 B . -5.38 0.04 5.20
O4' UP6 B . -6.38 2.29 3.52
C5' UP6 B . -8.34 0.82 3.13
O5' UP6 B . -8.68 -0.57 3.07
P UP6 B . -10.11 -1.11 2.53
O1P UP6 B . -9.98 -1.05 1.02
O2P UP6 B . -10.07 -2.51 3.14
O3P UP6 B . -11.12 -0.17 3.14
#